data_4JHO
#
_entry.id   4JHO
#
_cell.length_a   68.084
_cell.length_b   71.685
_cell.length_c   136.675
_cell.angle_alpha   90.00
_cell.angle_beta   90.00
_cell.angle_gamma   90.00
#
_symmetry.space_group_name_H-M   'P 21 21 21'
#
loop_
_entity.id
_entity.type
_entity.pdbx_description
1 polymer Beta-mannosidase/beta-glucosidase
2 non-polymer '4-(2-HYDROXYETHYL)-1-PIPERAZINE ETHANESULFONIC ACID'
3 non-polymer GLYCEROL
4 water water
#
_entity_poly.entity_id   1
_entity_poly.type   'polypeptide(L)'
_entity_poly.pdbx_seq_one_letter_code
;AMADITSLYKKAESAAAPFTYWLNPEIYDAGGLSRRAFPEGFVFGTAASAYQVEGMAKQGGRGPSIWDAFIEKPGTIPNN
ATADVTVDEYHRYKEDVNIMKNMGFDAYRFSISWSRIFPNGTGMVNQEGVDYYNRLIDYMVKKGIKPYANLYHYDLPLAL
HEQYLGWLSPNIVEAFADYADFCFQTFGDRVKDWFTFNEPRCVAALGYDNGFHAPGRCSGCDAGGNSTTEPYLAAHHLIL
SHAAAVKRYREKYQLYQKGRIGILLDFVWYEPFSDSNADRAAAQRARDFHLGWFLDPIIHGRYPYSMLEIVKDRMPTFSD
EESRMVKDSIDYVGINHYTSFYMKDPGPWNLTPTSYQDDWHVGFAYERNGVPIGAQANSYWLYIVPWGINKAVTYVKETY
GNPTMILSENGMDQPGNVSITQGVHDTVRIRYYRNYITELKKAIDDGAKVIGYFAWSLLDNFEWRLGYTSRFGIVYVDYK
TLKRYPKDSAFWFKNMLSSKKRN
;
_entity_poly.pdbx_strand_id   A
#
loop_
_chem_comp.id
_chem_comp.type
_chem_comp.name
_chem_comp.formula
EPE non-polymer '4-(2-HYDROXYETHYL)-1-PIPERAZINE ETHANESULFONIC ACID' 'C8 H18 N2 O4 S'
GOL non-polymer GLYCEROL 'C3 H8 O3'
#
# COMPACT_ATOMS: atom_id res chain seq x y z
N ALA A 16 11.15 7.45 -29.76
CA ALA A 16 11.51 8.54 -28.78
C ALA A 16 12.57 9.48 -29.37
N ALA A 17 12.36 10.79 -29.17
CA ALA A 17 13.30 11.82 -29.58
C ALA A 17 14.69 11.64 -28.95
N PRO A 18 15.77 12.15 -29.61
CA PRO A 18 17.13 11.88 -29.17
C PRO A 18 17.47 12.31 -27.75
N PHE A 19 16.77 13.32 -27.22
CA PHE A 19 17.01 13.79 -25.85
C PHE A 19 16.69 12.73 -24.78
N THR A 20 15.83 11.78 -25.15
CA THR A 20 15.55 10.62 -24.30
C THR A 20 16.85 10.02 -23.78
N TYR A 21 17.90 10.04 -24.61
CA TYR A 21 19.15 9.31 -24.31
C TYR A 21 20.30 10.13 -23.75
N TRP A 22 20.05 11.42 -23.49
CA TRP A 22 20.97 12.23 -22.68
C TRP A 22 21.23 11.51 -21.33
N LEU A 23 22.49 11.44 -20.93
CA LEU A 23 22.91 10.89 -19.64
C LEU A 23 22.80 11.92 -18.51
N ASN A 24 21.83 11.70 -17.62
CA ASN A 24 21.60 12.59 -16.50
C ASN A 24 22.65 12.36 -15.40
N PRO A 25 23.49 13.38 -15.08
CA PRO A 25 24.53 13.20 -14.08
C PRO A 25 24.03 12.89 -12.66
N GLU A 26 22.78 13.27 -12.37
CA GLU A 26 22.11 12.94 -11.09
C GLU A 26 22.04 11.44 -10.80
N ILE A 27 22.04 10.63 -11.87
CA ILE A 27 22.06 9.18 -11.75
C ILE A 27 23.23 8.70 -10.88
N TYR A 28 24.37 9.38 -10.99
CA TYR A 28 25.59 8.97 -10.29
C TYR A 28 25.82 9.66 -8.95
N ASP A 29 24.90 10.53 -8.54
CA ASP A 29 24.96 11.10 -7.19
C ASP A 29 24.07 10.29 -6.24
N ALA A 30 24.70 9.34 -5.55
CA ALA A 30 24.00 8.47 -4.62
C ALA A 30 23.89 9.09 -3.23
N GLY A 31 24.49 10.26 -3.07
CA GLY A 31 24.46 11.00 -1.81
C GLY A 31 24.94 10.20 -0.60
N GLY A 32 25.93 9.34 -0.81
CA GLY A 32 26.48 8.52 0.27
C GLY A 32 25.81 7.18 0.50
N LEU A 33 24.69 6.95 -0.19
CA LEU A 33 23.92 5.72 -0.04
C LEU A 33 24.57 4.58 -0.81
N SER A 34 24.53 3.40 -0.20
CA SER A 34 24.97 2.14 -0.79
C SER A 34 24.44 1.06 0.11
N ARG A 35 24.61 -0.20 -0.28
CA ARG A 35 24.14 -1.30 0.55
C ARG A 35 24.89 -1.35 1.88
N ARG A 36 26.14 -0.90 1.85
N ARG A 36 26.17 -0.97 1.86
CA ARG A 36 27.03 -0.92 3.01
CA ARG A 36 27.02 -0.93 3.05
C ARG A 36 26.63 0.13 4.06
C ARG A 36 26.45 0.00 4.13
N ALA A 37 25.71 1.01 3.70
CA ALA A 37 25.16 2.00 4.63
C ALA A 37 23.91 1.48 5.34
N PHE A 38 23.54 0.23 5.04
CA PHE A 38 22.35 -0.41 5.57
C PHE A 38 22.71 -1.74 6.24
N PRO A 39 21.82 -2.28 7.12
CA PRO A 39 22.06 -3.57 7.77
C PRO A 39 22.40 -4.72 6.81
N GLU A 40 23.14 -5.71 7.33
CA GLU A 40 23.41 -6.95 6.61
C GLU A 40 22.09 -7.61 6.24
N GLY A 41 21.95 -7.98 4.97
CA GLY A 41 20.73 -8.64 4.50
C GLY A 41 19.52 -7.75 4.21
N PHE A 42 19.70 -6.43 4.32
CA PHE A 42 18.65 -5.46 4.01
C PHE A 42 18.16 -5.64 2.57
N VAL A 43 16.85 -5.74 2.41
CA VAL A 43 16.22 -6.02 1.12
C VAL A 43 15.77 -4.71 0.44
N PHE A 44 16.18 -4.53 -0.83
CA PHE A 44 15.63 -3.48 -1.68
C PHE A 44 14.74 -4.09 -2.76
N GLY A 45 13.52 -3.57 -2.88
CA GLY A 45 12.62 -4.06 -3.90
C GLY A 45 11.75 -2.97 -4.48
N THR A 46 10.86 -3.37 -5.38
CA THR A 46 9.78 -2.53 -5.85
C THR A 46 8.45 -3.22 -5.51
N ALA A 47 7.40 -2.42 -5.42
CA ALA A 47 6.07 -2.91 -5.06
C ALA A 47 5.08 -2.57 -6.15
N ALA A 48 4.17 -3.48 -6.45
CA ALA A 48 3.04 -3.22 -7.34
C ALA A 48 1.77 -3.89 -6.81
N SER A 49 0.71 -3.91 -7.62
CA SER A 49 -0.49 -4.67 -7.27
C SER A 49 -1.16 -5.33 -8.48
N ALA A 50 -1.89 -6.42 -8.24
CA ALA A 50 -2.50 -7.21 -9.29
C ALA A 50 -3.32 -6.36 -10.25
N TYR A 51 -4.29 -5.61 -9.73
CA TYR A 51 -5.18 -4.83 -10.56
C TYR A 51 -4.49 -3.71 -11.32
N GLN A 52 -3.45 -3.16 -10.71
CA GLN A 52 -2.79 -2.00 -11.30
C GLN A 52 -1.83 -2.37 -12.43
N VAL A 53 -1.33 -3.60 -12.44
CA VAL A 53 -0.33 -4.01 -13.46
C VAL A 53 -0.68 -5.21 -14.37
N GLU A 54 -1.57 -6.11 -13.91
CA GLU A 54 -1.71 -7.41 -14.57
C GLU A 54 -2.31 -7.31 -15.98
N GLY A 55 -3.42 -6.61 -16.09
CA GLY A 55 -4.27 -6.71 -17.25
C GLY A 55 -5.13 -7.95 -17.11
N MET A 56 -5.70 -8.40 -18.23
CA MET A 56 -6.53 -9.60 -18.25
C MET A 56 -7.59 -9.57 -17.13
N ALA A 57 -8.22 -8.42 -16.94
CA ALA A 57 -9.21 -8.25 -15.86
C ALA A 57 -10.46 -9.10 -16.08
N LYS A 58 -10.80 -9.27 -17.35
CA LYS A 58 -12.01 -9.96 -17.78
C LYS A 58 -11.67 -11.25 -18.49
N GLN A 59 -10.42 -11.68 -18.39
CA GLN A 59 -9.95 -12.87 -19.08
C GLN A 59 -9.19 -13.80 -18.14
N GLY A 60 -8.73 -14.93 -18.68
CA GLY A 60 -7.96 -15.91 -17.94
C GLY A 60 -8.72 -16.59 -16.80
N GLY A 61 -10.05 -16.54 -16.87
CA GLY A 61 -10.93 -17.10 -15.83
C GLY A 61 -11.24 -16.17 -14.66
N ARG A 62 -10.67 -14.97 -14.67
CA ARG A 62 -10.81 -14.03 -13.54
C ARG A 62 -12.25 -13.57 -13.30
N GLY A 63 -12.74 -13.73 -12.08
CA GLY A 63 -14.08 -13.24 -11.72
C GLY A 63 -14.06 -11.74 -11.54
N PRO A 64 -15.23 -11.08 -11.65
CA PRO A 64 -15.17 -9.62 -11.46
C PRO A 64 -14.90 -9.22 -9.99
N SER A 65 -14.28 -8.07 -9.81
CA SER A 65 -14.03 -7.53 -8.47
C SER A 65 -14.88 -6.28 -8.35
N ILE A 66 -14.88 -5.66 -7.16
CA ILE A 66 -15.69 -4.46 -6.92
C ILE A 66 -15.25 -3.27 -7.78
N TRP A 67 -13.98 -3.23 -8.15
CA TRP A 67 -13.45 -2.17 -9.00
C TRP A 67 -13.90 -2.32 -10.45
N ASP A 68 -14.05 -3.56 -10.91
CA ASP A 68 -14.63 -3.81 -12.22
C ASP A 68 -16.03 -3.20 -12.35
N ALA A 69 -16.87 -3.39 -11.33
CA ALA A 69 -18.19 -2.76 -11.29
C ALA A 69 -18.12 -1.24 -11.11
N PHE A 70 -17.20 -0.79 -10.25
CA PHE A 70 -17.06 0.64 -9.90
C PHE A 70 -16.64 1.51 -11.08
N ILE A 71 -15.77 0.94 -11.92
CA ILE A 71 -15.24 1.61 -13.10
C ILE A 71 -16.30 1.76 -14.20
N GLU A 72 -17.29 0.85 -14.23
CA GLU A 72 -18.41 0.87 -15.20
C GLU A 72 -19.12 2.22 -15.31
N LYS A 73 -19.43 2.84 -14.17
N LYS A 73 -19.41 2.84 -14.17
CA LYS A 73 -20.10 4.13 -14.15
CA LYS A 73 -20.11 4.12 -14.14
C LYS A 73 -19.23 5.19 -14.81
C LYS A 73 -19.25 5.21 -14.78
N PRO A 74 -19.77 5.89 -15.82
CA PRO A 74 -19.01 6.89 -16.56
C PRO A 74 -18.60 8.04 -15.64
N GLY A 75 -17.42 8.60 -15.91
CA GLY A 75 -16.90 9.68 -15.10
C GLY A 75 -15.98 9.21 -13.99
N THR A 76 -16.11 7.95 -13.57
CA THR A 76 -15.32 7.41 -12.45
C THR A 76 -13.81 7.53 -12.67
N ILE A 77 -13.35 7.11 -13.85
CA ILE A 77 -11.94 7.16 -14.20
C ILE A 77 -11.73 8.16 -15.34
N PRO A 78 -10.72 9.05 -15.22
CA PRO A 78 -10.42 10.02 -16.30
C PRO A 78 -10.32 9.36 -17.67
N ASN A 79 -10.96 10.00 -18.66
CA ASN A 79 -11.02 9.53 -20.05
C ASN A 79 -11.66 8.14 -20.22
N ASN A 80 -12.49 7.77 -19.25
CA ASN A 80 -13.09 6.43 -19.13
C ASN A 80 -12.12 5.25 -19.41
N ALA A 81 -10.88 5.40 -18.94
CA ALA A 81 -9.86 4.36 -19.04
C ALA A 81 -10.13 3.20 -18.08
N THR A 82 -9.64 2.02 -18.40
CA THR A 82 -9.80 0.85 -17.53
C THR A 82 -8.44 0.19 -17.24
N ALA A 83 -8.47 -0.80 -16.35
CA ALA A 83 -7.31 -1.63 -16.09
C ALA A 83 -7.47 -3.01 -16.73
N ASP A 84 -8.33 -3.11 -17.74
CA ASP A 84 -8.53 -4.38 -18.47
C ASP A 84 -7.24 -4.89 -19.10
N VAL A 85 -6.40 -3.96 -19.54
CA VAL A 85 -5.06 -4.30 -20.05
C VAL A 85 -3.95 -3.68 -19.17
N THR A 86 -4.12 -2.41 -18.81
CA THR A 86 -3.08 -1.65 -18.11
C THR A 86 -1.68 -1.89 -18.75
N VAL A 87 -0.66 -2.18 -17.96
CA VAL A 87 0.69 -2.39 -18.53
C VAL A 87 0.94 -3.84 -18.88
N ASP A 88 -0.09 -4.66 -18.70
CA ASP A 88 -0.12 -6.01 -19.21
C ASP A 88 1.02 -6.90 -18.67
N GLU A 89 1.27 -6.80 -17.38
CA GLU A 89 2.29 -7.64 -16.75
C GLU A 89 1.92 -9.12 -16.83
N TYR A 90 0.63 -9.43 -16.98
CA TYR A 90 0.18 -10.81 -17.17
C TYR A 90 0.98 -11.54 -18.28
N HIS A 91 1.24 -10.83 -19.37
CA HIS A 91 2.00 -11.37 -20.49
C HIS A 91 3.46 -10.90 -20.48
N ARG A 92 3.70 -9.73 -19.89
CA ARG A 92 5.02 -9.10 -19.92
C ARG A 92 5.87 -9.32 -18.68
N TYR A 93 5.47 -10.25 -17.80
CA TYR A 93 6.15 -10.43 -16.52
C TYR A 93 7.64 -10.74 -16.61
N LYS A 94 8.06 -11.45 -17.66
CA LYS A 94 9.47 -11.80 -17.83
C LYS A 94 10.33 -10.54 -18.05
N GLU A 95 9.89 -9.68 -18.97
CA GLU A 95 10.51 -8.40 -19.20
C GLU A 95 10.59 -7.60 -17.89
N ASP A 96 9.47 -7.53 -17.17
CA ASP A 96 9.39 -6.75 -15.94
C ASP A 96 10.35 -7.24 -14.86
N VAL A 97 10.39 -8.55 -14.66
CA VAL A 97 11.31 -9.17 -13.71
C VAL A 97 12.77 -8.98 -14.17
N ASN A 98 13.01 -9.11 -15.48
CA ASN A 98 14.34 -8.81 -16.07
C ASN A 98 14.84 -7.40 -15.77
N ILE A 99 13.94 -6.41 -15.83
CA ILE A 99 14.29 -5.01 -15.48
C ILE A 99 14.65 -4.87 -13.99
N MET A 100 13.78 -5.39 -13.12
CA MET A 100 14.03 -5.45 -11.66
C MET A 100 15.42 -6.00 -11.36
N LYS A 101 15.76 -7.12 -11.99
CA LYS A 101 17.06 -7.76 -11.82
C LYS A 101 18.22 -6.91 -12.36
N ASN A 102 18.04 -6.34 -13.54
N ASN A 102 18.05 -6.36 -13.56
CA ASN A 102 19.05 -5.49 -14.16
CA ASN A 102 19.08 -5.47 -14.13
C ASN A 102 19.32 -4.20 -13.36
C ASN A 102 19.35 -4.26 -13.27
N MET A 103 18.28 -3.68 -12.72
CA MET A 103 18.39 -2.47 -11.89
C MET A 103 18.91 -2.76 -10.48
N GLY A 104 19.16 -4.04 -10.20
CA GLY A 104 19.79 -4.45 -8.95
C GLY A 104 18.88 -4.72 -7.76
N PHE A 105 17.58 -4.81 -7.99
CA PHE A 105 16.64 -5.06 -6.89
C PHE A 105 16.73 -6.51 -6.39
N ASP A 106 16.49 -6.69 -5.09
CA ASP A 106 16.53 -7.98 -4.41
C ASP A 106 15.18 -8.67 -4.43
N ALA A 107 14.11 -7.90 -4.60
CA ALA A 107 12.77 -8.38 -4.26
C ALA A 107 11.67 -7.67 -5.01
N TYR A 108 10.51 -8.31 -5.06
CA TYR A 108 9.34 -7.73 -5.69
C TYR A 108 8.12 -8.06 -4.83
N ARG A 109 7.43 -7.02 -4.37
CA ARG A 109 6.17 -7.19 -3.68
C ARG A 109 5.05 -6.98 -4.68
N PHE A 110 4.35 -8.07 -4.97
CA PHE A 110 3.21 -8.07 -5.89
C PHE A 110 2.00 -8.50 -5.07
N SER A 111 0.80 -8.42 -5.65
CA SER A 111 -0.36 -8.99 -4.99
C SER A 111 -1.05 -10.06 -5.84
N ILE A 112 -1.78 -10.91 -5.14
CA ILE A 112 -2.54 -11.98 -5.73
C ILE A 112 -3.99 -11.51 -5.77
N SER A 113 -4.57 -11.60 -6.96
CA SER A 113 -5.97 -11.26 -7.16
C SER A 113 -6.85 -12.38 -6.63
N TRP A 114 -7.59 -12.07 -5.57
CA TRP A 114 -8.53 -12.98 -4.95
C TRP A 114 -9.47 -13.57 -6.01
N SER A 115 -10.08 -12.69 -6.81
CA SER A 115 -11.04 -13.15 -7.82
C SER A 115 -10.40 -13.85 -9.04
N ARG A 116 -9.09 -13.72 -9.22
CA ARG A 116 -8.40 -14.51 -10.24
C ARG A 116 -8.20 -15.96 -9.78
N ILE A 117 -8.08 -16.16 -8.47
CA ILE A 117 -7.95 -17.49 -7.88
C ILE A 117 -9.32 -18.09 -7.61
N PHE A 118 -10.19 -17.34 -6.93
CA PHE A 118 -11.59 -17.71 -6.68
C PHE A 118 -12.55 -16.71 -7.32
N PRO A 119 -13.03 -17.00 -8.55
CA PRO A 119 -13.91 -16.07 -9.29
C PRO A 119 -15.15 -15.61 -8.50
N ASN A 120 -15.69 -16.51 -7.68
CA ASN A 120 -16.83 -16.25 -6.82
C ASN A 120 -16.40 -15.81 -5.41
N GLY A 121 -15.11 -15.91 -5.12
CA GLY A 121 -14.60 -15.63 -3.78
C GLY A 121 -14.42 -16.88 -2.94
N THR A 122 -15.24 -17.89 -3.20
CA THR A 122 -15.21 -19.17 -2.49
C THR A 122 -15.34 -20.33 -3.46
N GLY A 123 -15.04 -21.53 -2.99
CA GLY A 123 -15.33 -22.76 -3.74
C GLY A 123 -14.36 -23.05 -4.87
N MET A 124 -14.86 -22.95 -6.10
CA MET A 124 -14.14 -23.34 -7.31
C MET A 124 -12.86 -22.53 -7.56
N VAL A 125 -11.73 -23.24 -7.54
CA VAL A 125 -10.43 -22.68 -7.91
C VAL A 125 -10.33 -22.52 -9.43
N ASN A 126 -10.03 -21.29 -9.87
CA ASN A 126 -9.66 -21.01 -11.26
C ASN A 126 -8.19 -21.39 -11.47
N GLN A 127 -7.96 -22.57 -12.07
CA GLN A 127 -6.61 -23.13 -12.24
C GLN A 127 -5.71 -22.28 -13.14
N GLU A 128 -6.33 -21.58 -14.10
CA GLU A 128 -5.60 -20.72 -15.02
C GLU A 128 -4.98 -19.54 -14.26
N GLY A 129 -5.70 -19.04 -13.26
CA GLY A 129 -5.21 -17.99 -12.37
C GLY A 129 -4.02 -18.48 -11.55
N VAL A 130 -4.22 -19.61 -10.87
CA VAL A 130 -3.16 -20.30 -10.14
C VAL A 130 -1.91 -20.49 -11.00
N ASP A 131 -2.11 -20.93 -12.24
CA ASP A 131 -1.00 -21.15 -13.17
C ASP A 131 -0.23 -19.88 -13.45
N TYR A 132 -0.94 -18.75 -13.55
CA TYR A 132 -0.27 -17.47 -13.73
C TYR A 132 0.68 -17.15 -12.58
N TYR A 133 0.17 -17.16 -11.36
CA TYR A 133 1.02 -16.85 -10.20
C TYR A 133 2.18 -17.81 -10.06
N ASN A 134 1.98 -19.08 -10.42
CA ASN A 134 3.07 -20.03 -10.42
C ASN A 134 4.21 -19.69 -11.40
N ARG A 135 3.83 -19.24 -12.59
N ARG A 135 3.89 -19.20 -12.59
CA ARG A 135 4.76 -18.76 -13.63
CA ARG A 135 4.95 -18.85 -13.52
C ARG A 135 5.54 -17.57 -13.14
C ARG A 135 5.59 -17.49 -13.22
N LEU A 136 4.82 -16.57 -12.64
CA LEU A 136 5.40 -15.32 -12.15
C LEU A 136 6.41 -15.62 -11.06
N ILE A 137 5.99 -16.41 -10.07
CA ILE A 137 6.83 -16.77 -8.92
C ILE A 137 8.03 -17.62 -9.34
N ASP A 138 7.82 -18.63 -10.19
CA ASP A 138 8.93 -19.50 -10.66
C ASP A 138 9.99 -18.69 -11.40
N TYR A 139 9.55 -17.74 -12.22
CA TYR A 139 10.46 -16.86 -12.93
C TYR A 139 11.23 -15.91 -12.01
N MET A 140 10.54 -15.29 -11.04
CA MET A 140 11.23 -14.46 -10.04
C MET A 140 12.33 -15.26 -9.37
N VAL A 141 11.98 -16.45 -8.88
CA VAL A 141 12.92 -17.37 -8.22
C VAL A 141 14.12 -17.70 -9.14
N LYS A 142 13.82 -18.09 -10.38
CA LYS A 142 14.84 -18.36 -11.39
C LYS A 142 15.80 -17.18 -11.54
N LYS A 143 15.27 -15.96 -11.50
CA LYS A 143 16.07 -14.76 -11.69
C LYS A 143 16.68 -14.18 -10.41
N GLY A 144 16.46 -14.84 -9.27
CA GLY A 144 17.01 -14.38 -7.99
C GLY A 144 16.28 -13.18 -7.38
N ILE A 145 15.01 -13.01 -7.73
CA ILE A 145 14.16 -11.98 -7.13
C ILE A 145 13.27 -12.63 -6.06
N LYS A 146 13.36 -12.13 -4.83
CA LYS A 146 12.54 -12.61 -3.72
C LYS A 146 11.08 -12.20 -3.87
N PRO A 147 10.16 -13.19 -3.83
CA PRO A 147 8.73 -12.86 -3.88
C PRO A 147 8.17 -12.44 -2.52
N TYR A 148 7.56 -11.25 -2.48
CA TYR A 148 6.79 -10.81 -1.32
C TYR A 148 5.32 -10.75 -1.78
N ALA A 149 4.50 -11.66 -1.28
CA ALA A 149 3.12 -11.76 -1.76
C ALA A 149 2.12 -11.10 -0.83
N ASN A 150 1.41 -10.11 -1.36
CA ASN A 150 0.26 -9.51 -0.69
C ASN A 150 -1.03 -10.18 -1.16
N LEU A 151 -1.94 -10.49 -0.25
CA LEU A 151 -3.16 -11.22 -0.61
C LEU A 151 -4.31 -10.34 -1.07
N TYR A 152 -4.29 -9.07 -0.68
CA TYR A 152 -5.41 -8.18 -0.96
C TYR A 152 -4.97 -6.74 -1.25
N HIS A 153 -5.29 -6.26 -2.42
CA HIS A 153 -5.04 -4.87 -2.77
C HIS A 153 -6.28 -4.24 -3.46
N TYR A 154 -7.28 -3.90 -2.65
CA TYR A 154 -8.52 -3.23 -3.06
C TYR A 154 -9.46 -4.07 -3.91
N ASP A 155 -9.16 -5.35 -4.12
CA ASP A 155 -9.85 -6.11 -5.15
C ASP A 155 -10.78 -7.25 -4.66
N LEU A 156 -11.70 -6.90 -3.76
CA LEU A 156 -12.72 -7.83 -3.27
C LEU A 156 -13.54 -8.44 -4.42
N PRO A 157 -13.68 -9.79 -4.46
CA PRO A 157 -14.59 -10.39 -5.46
C PRO A 157 -16.00 -9.80 -5.33
N LEU A 158 -16.55 -9.35 -6.46
CA LEU A 158 -17.87 -8.71 -6.52
C LEU A 158 -18.99 -9.60 -5.96
N ALA A 159 -18.87 -10.90 -6.17
CA ALA A 159 -19.86 -11.86 -5.66
C ALA A 159 -20.05 -11.76 -4.14
N LEU A 160 -18.95 -11.57 -3.41
CA LEU A 160 -19.02 -11.45 -1.94
C LEU A 160 -19.61 -10.11 -1.51
N HIS A 161 -19.40 -9.09 -2.32
CA HIS A 161 -20.08 -7.83 -2.07
C HIS A 161 -21.59 -7.94 -2.38
N GLU A 162 -21.92 -8.61 -3.48
CA GLU A 162 -23.31 -8.87 -3.85
C GLU A 162 -24.04 -9.75 -2.82
N GLN A 163 -23.35 -10.76 -2.29
CA GLN A 163 -23.95 -11.69 -1.33
C GLN A 163 -24.25 -11.07 0.04
N TYR A 164 -23.25 -10.40 0.61
CA TYR A 164 -23.43 -9.86 1.97
C TYR A 164 -22.77 -8.51 2.25
N LEU A 165 -22.53 -7.72 1.20
CA LEU A 165 -21.87 -6.42 1.35
C LEU A 165 -20.42 -6.53 1.84
N GLY A 166 -19.75 -7.62 1.45
CA GLY A 166 -18.30 -7.77 1.60
C GLY A 166 -17.75 -7.50 2.98
N TRP A 167 -16.93 -6.45 3.09
CA TRP A 167 -16.22 -6.13 4.32
C TRP A 167 -17.15 -5.75 5.49
N LEU A 168 -18.41 -5.46 5.16
CA LEU A 168 -19.39 -5.06 6.17
C LEU A 168 -20.04 -6.22 6.92
N SER A 169 -19.68 -7.44 6.53
CA SER A 169 -20.28 -8.65 7.10
C SER A 169 -19.23 -9.53 7.76
N PRO A 170 -19.57 -10.12 8.93
CA PRO A 170 -18.65 -11.08 9.57
C PRO A 170 -18.37 -12.33 8.74
N ASN A 171 -19.19 -12.57 7.71
CA ASN A 171 -19.00 -13.70 6.81
C ASN A 171 -17.69 -13.63 6.03
N ILE A 172 -17.18 -12.42 5.85
CA ILE A 172 -15.98 -12.18 5.05
C ILE A 172 -14.72 -12.78 5.70
N VAL A 173 -14.77 -12.97 7.02
CA VAL A 173 -13.61 -13.38 7.81
C VAL A 173 -13.07 -14.77 7.42
N GLU A 174 -13.92 -15.78 7.48
CA GLU A 174 -13.52 -17.14 7.10
C GLU A 174 -13.32 -17.30 5.60
N ALA A 175 -14.08 -16.54 4.81
CA ALA A 175 -13.89 -16.49 3.36
C ALA A 175 -12.47 -16.01 2.98
N PHE A 176 -12.00 -14.94 3.61
CA PHE A 176 -10.63 -14.45 3.39
C PHE A 176 -9.58 -15.45 3.89
N ALA A 177 -9.83 -15.98 5.09
CA ALA A 177 -8.93 -16.96 5.70
C ALA A 177 -8.77 -18.24 4.85
N ASP A 178 -9.88 -18.70 4.27
CA ASP A 178 -9.90 -19.83 3.32
C ASP A 178 -9.09 -19.53 2.05
N TYR A 179 -9.29 -18.34 1.50
CA TYR A 179 -8.53 -17.88 0.33
C TYR A 179 -7.03 -17.82 0.66
N ALA A 180 -6.71 -17.27 1.82
CA ALA A 180 -5.32 -17.11 2.28
C ALA A 180 -4.67 -18.46 2.50
N ASP A 181 -5.39 -19.34 3.20
CA ASP A 181 -5.00 -20.74 3.44
C ASP A 181 -4.63 -21.42 2.12
N PHE A 182 -5.49 -21.27 1.10
CA PHE A 182 -5.21 -21.80 -0.22
C PHE A 182 -3.89 -21.27 -0.80
N CYS A 183 -3.66 -19.96 -0.70
CA CYS A 183 -2.43 -19.36 -1.22
C CYS A 183 -1.19 -19.88 -0.48
N PHE A 184 -1.31 -20.09 0.82
CA PHE A 184 -0.18 -20.61 1.60
C PHE A 184 0.23 -22.01 1.14
N GLN A 185 -0.74 -22.91 1.00
CA GLN A 185 -0.40 -24.28 0.62
C GLN A 185 0.06 -24.36 -0.84
N THR A 186 -0.45 -23.46 -1.68
CA THR A 186 -0.14 -23.45 -3.11
C THR A 186 1.19 -22.77 -3.43
N PHE A 187 1.48 -21.63 -2.79
CA PHE A 187 2.65 -20.83 -3.16
C PHE A 187 3.74 -20.75 -2.07
N GLY A 188 3.40 -21.23 -0.86
CA GLY A 188 4.25 -21.08 0.32
C GLY A 188 5.58 -21.82 0.33
N ASP A 189 5.74 -22.80 -0.57
CA ASP A 189 7.04 -23.45 -0.76
C ASP A 189 8.08 -22.48 -1.35
N ARG A 190 7.61 -21.51 -2.13
CA ARG A 190 8.52 -20.50 -2.71
C ARG A 190 8.37 -19.11 -2.06
N VAL A 191 7.14 -18.76 -1.68
CA VAL A 191 6.89 -17.46 -1.06
C VAL A 191 7.13 -17.59 0.43
N LYS A 192 8.07 -16.81 0.97
CA LYS A 192 8.44 -16.88 2.38
C LYS A 192 8.10 -15.59 3.12
N ASP A 193 7.41 -14.70 2.42
CA ASP A 193 7.12 -13.37 2.91
C ASP A 193 5.74 -12.98 2.43
N TRP A 194 4.82 -12.90 3.39
CA TRP A 194 3.39 -12.73 3.12
C TRP A 194 2.86 -11.45 3.77
N PHE A 195 1.90 -10.83 3.08
CA PHE A 195 1.10 -9.75 3.67
C PHE A 195 -0.36 -10.08 3.41
N THR A 196 -1.19 -9.86 4.41
CA THR A 196 -2.62 -10.11 4.28
C THR A 196 -3.29 -9.01 3.48
N PHE A 197 -3.00 -7.76 3.84
CA PHE A 197 -3.69 -6.61 3.27
C PHE A 197 -2.71 -5.51 2.99
N ASN A 198 -3.01 -4.78 1.93
CA ASN A 198 -2.43 -3.48 1.66
C ASN A 198 -3.42 -2.38 2.05
N GLU A 199 -3.02 -1.52 3.00
CA GLU A 199 -3.73 -0.29 3.31
C GLU A 199 -5.21 -0.48 3.71
N PRO A 200 -5.47 -1.28 4.75
CA PRO A 200 -6.84 -1.55 5.18
C PRO A 200 -7.55 -0.28 5.64
N ARG A 201 -6.78 0.71 6.09
CA ARG A 201 -7.33 2.03 6.42
C ARG A 201 -7.97 2.68 5.20
N CYS A 202 -7.32 2.54 4.05
CA CYS A 202 -7.82 3.11 2.81
C CYS A 202 -9.01 2.31 2.26
N VAL A 203 -8.94 0.99 2.40
CA VAL A 203 -10.08 0.12 2.12
C VAL A 203 -11.32 0.61 2.87
N ALA A 204 -11.17 0.85 4.17
CA ALA A 204 -12.27 1.27 5.04
C ALA A 204 -12.70 2.72 4.80
N ALA A 205 -11.74 3.63 4.77
CA ALA A 205 -12.06 5.07 4.59
C ALA A 205 -12.49 5.41 3.16
N LEU A 206 -11.73 4.98 2.16
CA LEU A 206 -12.05 5.35 0.79
C LEU A 206 -13.26 4.60 0.23
N GLY A 207 -13.44 3.35 0.67
CA GLY A 207 -14.56 2.53 0.23
C GLY A 207 -15.88 2.82 0.93
N TYR A 208 -15.81 3.25 2.20
CA TYR A 208 -17.01 3.29 3.07
C TYR A 208 -17.25 4.61 3.81
N ASP A 209 -16.30 5.53 3.74
CA ASP A 209 -16.47 6.82 4.40
C ASP A 209 -16.87 7.96 3.44
N ASN A 210 -16.17 8.07 2.32
CA ASN A 210 -16.54 9.07 1.33
C ASN A 210 -16.84 8.45 -0.04
N GLY A 211 -16.76 7.13 -0.13
CA GLY A 211 -17.04 6.44 -1.39
C GLY A 211 -16.13 6.76 -2.57
N PHE A 212 -14.94 7.29 -2.31
CA PHE A 212 -14.00 7.62 -3.38
C PHE A 212 -13.46 6.38 -4.10
N HIS A 213 -13.34 5.28 -3.36
CA HIS A 213 -12.95 3.98 -3.91
C HIS A 213 -14.11 3.00 -3.85
N ALA A 214 -14.03 1.97 -4.68
CA ALA A 214 -14.96 0.83 -4.63
C ALA A 214 -15.09 0.34 -3.18
N PRO A 215 -16.32 -0.02 -2.74
CA PRO A 215 -17.60 -0.08 -3.48
C PRO A 215 -18.37 1.25 -3.56
N GLY A 216 -17.74 2.36 -3.23
CA GLY A 216 -18.33 3.66 -3.43
C GLY A 216 -19.42 4.03 -2.43
N ARG A 217 -19.31 3.50 -1.22
CA ARG A 217 -20.33 3.73 -0.20
C ARG A 217 -19.98 4.90 0.71
N CYS A 218 -21.03 5.56 1.20
CA CYS A 218 -20.93 6.68 2.14
C CYS A 218 -22.35 7.20 2.44
N SER A 219 -22.47 8.11 3.39
CA SER A 219 -23.76 8.74 3.70
C SER A 219 -24.21 9.58 2.52
N GLY A 220 -25.35 9.21 1.94
CA GLY A 220 -25.88 9.94 0.78
C GLY A 220 -25.27 9.59 -0.57
N CYS A 221 -24.35 8.63 -0.61
CA CYS A 221 -23.79 8.14 -1.88
C CYS A 221 -24.87 7.37 -2.68
N ASP A 222 -24.72 7.30 -4.00
CA ASP A 222 -25.66 6.55 -4.86
C ASP A 222 -25.74 5.05 -4.51
N ALA A 223 -24.60 4.48 -4.12
CA ALA A 223 -24.53 3.07 -3.73
C ALA A 223 -25.13 2.82 -2.35
N GLY A 224 -25.42 3.89 -1.60
CA GLY A 224 -25.86 3.74 -0.21
C GLY A 224 -24.68 3.86 0.75
N GLY A 225 -24.95 3.59 2.03
CA GLY A 225 -23.91 3.66 3.04
C GLY A 225 -24.23 4.52 4.25
N ASN A 226 -23.27 4.58 5.16
CA ASN A 226 -23.35 5.32 6.41
C ASN A 226 -21.93 5.58 6.91
N SER A 227 -21.46 6.80 6.68
CA SER A 227 -20.09 7.22 6.97
C SER A 227 -19.76 7.23 8.45
N THR A 228 -20.80 7.17 9.30
CA THR A 228 -20.61 7.15 10.76
C THR A 228 -20.31 5.75 11.31
N THR A 229 -20.70 4.70 10.58
CA THR A 229 -20.57 3.33 11.10
C THR A 229 -19.78 2.36 10.22
N GLU A 230 -19.98 2.46 8.90
CA GLU A 230 -19.44 1.47 7.97
C GLU A 230 -17.92 1.43 7.90
N PRO A 231 -17.24 2.59 7.93
CA PRO A 231 -15.78 2.55 7.99
C PRO A 231 -15.25 1.70 9.15
N TYR A 232 -15.86 1.86 10.33
CA TYR A 232 -15.42 1.12 11.52
C TYR A 232 -15.75 -0.36 11.46
N LEU A 233 -16.91 -0.68 10.87
CA LEU A 233 -17.33 -2.05 10.63
C LEU A 233 -16.41 -2.76 9.63
N ALA A 234 -16.13 -2.12 8.50
CA ALA A 234 -15.18 -2.66 7.52
C ALA A 234 -13.80 -2.91 8.12
N ALA A 235 -13.27 -1.91 8.83
CA ALA A 235 -11.96 -2.01 9.48
C ALA A 235 -11.88 -3.15 10.50
N HIS A 236 -12.91 -3.25 11.33
CA HIS A 236 -13.04 -4.33 12.29
C HIS A 236 -12.93 -5.72 11.63
N HIS A 237 -13.70 -5.94 10.57
CA HIS A 237 -13.65 -7.20 9.82
C HIS A 237 -12.35 -7.42 9.05
N LEU A 238 -11.74 -6.33 8.58
CA LEU A 238 -10.39 -6.42 8.00
C LEU A 238 -9.38 -6.92 9.01
N ILE A 239 -9.43 -6.38 10.23
CA ILE A 239 -8.57 -6.81 11.33
C ILE A 239 -8.81 -8.29 11.70
N LEU A 240 -10.08 -8.67 11.83
CA LEU A 240 -10.44 -10.07 12.10
C LEU A 240 -10.01 -10.99 10.97
N SER A 241 -10.21 -10.55 9.73
CA SER A 241 -9.80 -11.34 8.54
C SER A 241 -8.28 -11.53 8.51
N HIS A 242 -7.54 -10.47 8.85
CA HIS A 242 -6.09 -10.55 8.95
C HIS A 242 -5.69 -11.58 10.00
N ALA A 243 -6.30 -11.49 11.17
CA ALA A 243 -5.96 -12.38 12.28
C ALA A 243 -6.31 -13.83 11.96
N ALA A 244 -7.45 -14.04 11.30
CA ALA A 244 -7.89 -15.37 10.91
C ALA A 244 -6.93 -15.98 9.88
N ALA A 245 -6.47 -15.16 8.94
CA ALA A 245 -5.51 -15.59 7.92
C ALA A 245 -4.16 -15.94 8.55
N VAL A 246 -3.70 -15.11 9.48
CA VAL A 246 -2.45 -15.35 10.19
C VAL A 246 -2.50 -16.62 11.06
N LYS A 247 -3.65 -16.85 11.69
CA LYS A 247 -3.90 -18.08 12.45
C LYS A 247 -3.69 -19.33 11.58
N ARG A 248 -4.23 -19.34 10.37
CA ARG A 248 -4.02 -20.45 9.44
C ARG A 248 -2.55 -20.67 9.15
N TYR A 249 -1.86 -19.58 8.80
CA TYR A 249 -0.45 -19.66 8.48
C TYR A 249 0.34 -20.23 9.65
N ARG A 250 0.11 -19.68 10.84
CA ARG A 250 0.87 -20.05 12.05
C ARG A 250 0.61 -21.48 12.52
N GLU A 251 -0.64 -21.94 12.39
CA GLU A 251 -1.03 -23.26 12.89
C GLU A 251 -0.73 -24.38 11.90
N LYS A 252 -0.85 -24.09 10.60
CA LYS A 252 -0.76 -25.11 9.57
C LYS A 252 0.51 -25.06 8.70
N TYR A 253 1.05 -23.87 8.43
CA TYR A 253 2.09 -23.71 7.38
C TYR A 253 3.45 -23.20 7.83
N GLN A 254 3.46 -22.24 8.75
CA GLN A 254 4.69 -21.48 9.07
C GLN A 254 5.91 -22.34 9.43
N LEU A 255 5.69 -23.34 10.29
CA LEU A 255 6.75 -24.22 10.81
C LEU A 255 7.51 -24.97 9.70
N TYR A 256 6.76 -25.46 8.71
CA TYR A 256 7.31 -26.23 7.59
C TYR A 256 7.88 -25.33 6.51
N GLN A 257 7.15 -24.27 6.17
CA GLN A 257 7.57 -23.35 5.10
C GLN A 257 8.68 -22.37 5.52
N LYS A 258 8.74 -22.08 6.82
CA LYS A 258 9.74 -21.17 7.42
C LYS A 258 9.70 -19.78 6.78
N GLY A 259 8.49 -19.26 6.61
CA GLY A 259 8.28 -17.91 6.13
C GLY A 259 7.77 -16.98 7.22
N ARG A 260 7.51 -15.75 6.82
CA ARG A 260 6.95 -14.75 7.74
C ARG A 260 5.68 -14.13 7.16
N ILE A 261 4.84 -13.59 8.05
CA ILE A 261 3.60 -12.95 7.66
C ILE A 261 3.41 -11.60 8.38
N GLY A 262 2.93 -10.60 7.64
CA GLY A 262 2.59 -9.30 8.21
C GLY A 262 1.43 -8.61 7.53
N ILE A 263 1.39 -7.28 7.68
CA ILE A 263 0.35 -6.44 7.10
C ILE A 263 1.01 -5.12 6.66
N LEU A 264 0.42 -4.48 5.64
CA LEU A 264 0.95 -3.25 5.06
C LEU A 264 0.07 -2.07 5.41
N LEU A 265 0.61 -1.16 6.22
CA LEU A 265 -0.18 -0.04 6.71
C LEU A 265 0.34 1.29 6.20
N ASP A 266 -0.55 2.08 5.62
N ASP A 266 -0.56 2.08 5.61
CA ASP A 266 -0.19 3.42 5.22
CA ASP A 266 -0.25 3.46 5.23
C ASP A 266 -0.07 4.31 6.45
C ASP A 266 -0.04 4.28 6.49
N PHE A 267 0.92 5.19 6.43
CA PHE A 267 1.19 6.08 7.55
C PHE A 267 1.65 7.43 7.03
N VAL A 268 0.75 8.40 7.08
CA VAL A 268 1.09 9.79 6.86
C VAL A 268 1.67 10.32 8.17
N TRP A 269 2.79 11.00 8.10
CA TRP A 269 3.32 11.67 9.29
C TRP A 269 2.53 12.96 9.58
N TYR A 270 2.06 13.06 10.82
CA TYR A 270 1.34 14.24 11.25
C TYR A 270 2.20 14.98 12.27
N GLU A 271 2.63 16.17 11.89
CA GLU A 271 3.55 16.99 12.66
C GLU A 271 2.76 18.10 13.35
N PRO A 272 2.95 18.28 14.67
CA PRO A 272 2.21 19.35 15.35
C PRO A 272 2.56 20.71 14.74
N PHE A 273 1.53 21.48 14.39
CA PHE A 273 1.71 22.81 13.81
C PHE A 273 2.52 23.73 14.73
N SER A 274 2.23 23.66 16.03
CA SER A 274 2.96 24.38 17.07
C SER A 274 3.25 23.41 18.19
N ASP A 275 4.03 23.82 19.18
CA ASP A 275 4.35 22.93 20.30
C ASP A 275 3.32 23.00 21.43
N SER A 276 2.23 23.74 21.23
CA SER A 276 1.15 23.76 22.22
C SER A 276 0.62 22.36 22.51
N ASN A 277 0.06 22.18 23.70
CA ASN A 277 -0.51 20.89 24.08
C ASN A 277 -1.63 20.45 23.14
N ALA A 278 -2.46 21.41 22.74
CA ALA A 278 -3.59 21.16 21.86
C ALA A 278 -3.17 20.65 20.47
N ASP A 279 -2.16 21.29 19.88
CA ASP A 279 -1.66 20.91 18.57
C ASP A 279 -0.95 19.55 18.60
N ARG A 280 -0.20 19.31 19.69
N ARG A 280 -0.22 19.30 19.69
CA ARG A 280 0.44 18.01 19.93
CA ARG A 280 0.44 18.01 19.91
C ARG A 280 -0.57 16.87 20.07
C ARG A 280 -0.55 16.86 20.12
N ALA A 281 -1.66 17.15 20.79
CA ALA A 281 -2.72 16.16 21.01
C ALA A 281 -3.47 15.89 19.71
N ALA A 282 -3.62 16.93 18.89
CA ALA A 282 -4.23 16.81 17.56
C ALA A 282 -3.40 15.90 16.65
N ALA A 283 -2.09 16.07 16.66
CA ALA A 283 -1.21 15.23 15.84
C ALA A 283 -1.29 13.76 16.28
N GLN A 284 -1.31 13.51 17.58
CA GLN A 284 -1.44 12.18 18.14
C GLN A 284 -2.79 11.54 17.77
N ARG A 285 -3.87 12.30 17.87
CA ARG A 285 -5.20 11.87 17.49
C ARG A 285 -5.25 11.40 16.03
N ALA A 286 -4.68 12.20 15.12
CA ALA A 286 -4.57 11.82 13.72
C ALA A 286 -3.78 10.52 13.52
N ARG A 287 -2.68 10.34 14.24
CA ARG A 287 -1.93 9.08 14.21
C ARG A 287 -2.76 7.88 14.68
N ASP A 288 -3.54 8.10 15.76
CA ASP A 288 -4.47 7.09 16.29
C ASP A 288 -5.49 6.62 15.26
N PHE A 289 -6.19 7.57 14.65
CA PHE A 289 -7.22 7.28 13.65
C PHE A 289 -6.65 6.77 12.33
N HIS A 290 -5.39 7.10 12.07
CA HIS A 290 -4.74 6.75 10.80
C HIS A 290 -4.01 5.40 10.90
N LEU A 291 -3.11 5.29 11.86
CA LEU A 291 -2.25 4.12 12.05
C LEU A 291 -2.66 3.23 13.21
N GLY A 292 -2.95 3.87 14.35
CA GLY A 292 -3.29 3.15 15.58
C GLY A 292 -4.53 2.29 15.43
N TRP A 293 -5.46 2.75 14.59
CA TRP A 293 -6.70 2.04 14.23
C TRP A 293 -6.43 0.55 13.99
N PHE A 294 -5.37 0.27 13.24
CA PHE A 294 -4.95 -1.11 12.95
C PHE A 294 -3.80 -1.61 13.82
N LEU A 295 -2.82 -0.75 14.07
CA LEU A 295 -1.64 -1.18 14.86
C LEU A 295 -1.85 -1.40 16.36
N ASP A 296 -2.72 -0.61 16.99
CA ASP A 296 -2.98 -0.84 18.43
C ASP A 296 -3.60 -2.22 18.68
N PRO A 297 -4.65 -2.61 17.91
CA PRO A 297 -5.16 -3.99 18.01
C PRO A 297 -4.11 -5.08 17.84
N ILE A 298 -3.23 -4.93 16.84
CA ILE A 298 -2.23 -5.94 16.54
C ILE A 298 -1.13 -6.00 17.59
N ILE A 299 -0.77 -4.86 18.16
CA ILE A 299 0.30 -4.83 19.15
C ILE A 299 -0.18 -4.88 20.60
N HIS A 300 -1.35 -4.29 20.87
CA HIS A 300 -1.90 -4.24 22.23
C HIS A 300 -3.24 -4.97 22.40
N GLY A 301 -3.83 -5.45 21.32
CA GLY A 301 -5.12 -6.15 21.40
C GLY A 301 -6.34 -5.27 21.63
N ARG A 302 -6.15 -3.95 21.57
CA ARG A 302 -7.26 -3.00 21.71
C ARG A 302 -7.12 -1.81 20.76
N TYR A 303 -8.24 -1.19 20.46
CA TYR A 303 -8.26 0.05 19.68
C TYR A 303 -7.63 1.22 20.44
N PRO A 304 -7.17 2.27 19.70
CA PRO A 304 -6.62 3.46 20.37
C PRO A 304 -7.64 4.09 21.33
N TYR A 305 -7.13 4.69 22.41
CA TYR A 305 -7.96 5.28 23.47
C TYR A 305 -8.87 6.40 22.95
N SER A 306 -8.29 7.33 22.19
CA SER A 306 -9.04 8.43 21.61
C SER A 306 -10.20 7.96 20.72
N MET A 307 -9.98 6.90 19.95
CA MET A 307 -11.02 6.38 19.06
C MET A 307 -12.17 5.82 19.89
N LEU A 308 -11.84 5.03 20.91
CA LEU A 308 -12.83 4.46 21.82
C LEU A 308 -13.67 5.54 22.48
N GLU A 309 -13.04 6.66 22.82
CA GLU A 309 -13.69 7.76 23.54
C GLU A 309 -14.54 8.67 22.66
N ILE A 310 -14.09 8.86 21.42
CA ILE A 310 -14.80 9.67 20.45
C ILE A 310 -15.89 8.87 19.72
N VAL A 311 -15.54 7.67 19.24
CA VAL A 311 -16.41 6.91 18.34
C VAL A 311 -17.43 6.08 19.14
N LYS A 312 -17.03 5.66 20.34
CA LYS A 312 -17.93 5.06 21.32
C LYS A 312 -18.60 3.79 20.80
N ASP A 313 -19.94 3.79 20.83
CA ASP A 313 -20.78 2.67 20.39
C ASP A 313 -20.66 2.35 18.89
N ARG A 314 -20.22 3.32 18.10
CA ARG A 314 -20.07 3.12 16.66
C ARG A 314 -18.85 2.28 16.31
N MET A 315 -17.98 2.04 17.29
CA MET A 315 -16.87 1.12 17.10
C MET A 315 -17.18 -0.24 17.64
N PRO A 316 -17.00 -1.30 16.83
CA PRO A 316 -17.24 -2.65 17.32
C PRO A 316 -16.20 -3.05 18.37
N THR A 317 -16.55 -4.03 19.21
CA THR A 317 -15.66 -4.51 20.25
C THR A 317 -15.15 -5.90 19.91
N PHE A 318 -13.91 -6.17 20.27
CA PHE A 318 -13.36 -7.51 20.16
C PHE A 318 -13.79 -8.32 21.37
N SER A 319 -14.11 -9.60 21.17
CA SER A 319 -14.23 -10.53 22.28
C SER A 319 -12.81 -10.83 22.78
N ASP A 320 -12.72 -11.47 23.95
CA ASP A 320 -11.41 -11.79 24.53
C ASP A 320 -10.64 -12.76 23.64
N GLU A 321 -11.34 -13.73 23.06
CA GLU A 321 -10.77 -14.67 22.09
C GLU A 321 -10.23 -13.94 20.85
N GLU A 322 -11.08 -13.10 20.26
CA GLU A 322 -10.73 -12.27 19.09
C GLU A 322 -9.52 -11.39 19.37
N SER A 323 -9.54 -10.72 20.52
CA SER A 323 -8.44 -9.89 20.99
C SER A 323 -7.12 -10.68 21.06
N ARG A 324 -7.17 -11.90 21.59
CA ARG A 324 -5.99 -12.78 21.67
C ARG A 324 -5.46 -13.19 20.29
N MET A 325 -6.38 -13.52 19.38
CA MET A 325 -6.06 -13.89 17.99
C MET A 325 -5.40 -12.73 17.24
N VAL A 326 -5.90 -11.50 17.46
CA VAL A 326 -5.41 -10.30 16.78
C VAL A 326 -4.03 -9.87 17.29
N LYS A 327 -3.86 -9.89 18.61
CA LYS A 327 -2.63 -9.43 19.23
C LYS A 327 -1.43 -10.29 18.83
N ASP A 328 -0.36 -9.62 18.40
CA ASP A 328 0.86 -10.30 17.94
C ASP A 328 0.65 -11.16 16.69
N SER A 329 -0.35 -10.81 15.88
CA SER A 329 -0.63 -11.52 14.62
C SER A 329 0.23 -11.03 13.45
N ILE A 330 1.46 -10.63 13.72
CA ILE A 330 2.41 -10.24 12.67
C ILE A 330 3.82 -10.70 13.02
N ASP A 331 4.63 -10.98 12.01
CA ASP A 331 6.06 -11.21 12.20
C ASP A 331 6.83 -9.91 11.92
N TYR A 332 6.20 -9.02 11.17
CA TYR A 332 6.73 -7.69 10.90
C TYR A 332 5.59 -6.81 10.44
N VAL A 333 5.79 -5.50 10.48
CA VAL A 333 4.81 -4.55 9.96
C VAL A 333 5.41 -3.81 8.75
N GLY A 334 4.63 -3.74 7.68
CA GLY A 334 4.96 -2.89 6.54
C GLY A 334 4.39 -1.49 6.74
N ILE A 335 5.25 -0.48 6.61
CA ILE A 335 4.84 0.92 6.68
C ILE A 335 4.97 1.56 5.29
N ASN A 336 3.82 1.83 4.68
CA ASN A 336 3.74 2.56 3.42
C ASN A 336 3.79 4.05 3.75
N HIS A 337 4.85 4.74 3.30
CA HIS A 337 5.01 6.15 3.63
C HIS A 337 5.43 7.02 2.45
N TYR A 338 4.68 8.11 2.25
CA TYR A 338 4.93 9.04 1.17
C TYR A 338 5.08 10.48 1.59
N THR A 339 4.33 10.89 2.61
CA THR A 339 4.11 12.31 2.86
C THR A 339 3.82 12.67 4.32
N SER A 340 3.80 13.98 4.60
CA SER A 340 3.55 14.54 5.92
C SER A 340 2.73 15.84 5.84
N PHE A 341 1.95 16.10 6.88
CA PHE A 341 1.21 17.37 7.03
C PHE A 341 1.40 17.93 8.44
N TYR A 342 1.17 19.23 8.58
CA TYR A 342 0.99 19.86 9.89
C TYR A 342 -0.44 19.66 10.37
N MET A 343 -0.59 19.54 11.69
CA MET A 343 -1.84 19.19 12.31
C MET A 343 -2.13 20.21 13.41
N LYS A 344 -3.32 20.80 13.38
CA LYS A 344 -3.71 21.86 14.32
C LYS A 344 -4.91 21.39 15.10
N ASP A 345 -5.06 21.93 16.32
CA ASP A 345 -6.32 21.80 17.03
C ASP A 345 -7.39 22.61 16.28
N PRO A 346 -8.56 22.01 16.02
CA PRO A 346 -9.55 22.73 15.24
C PRO A 346 -10.47 23.62 16.09
N GLY A 347 -10.19 23.70 17.39
CA GLY A 347 -11.12 24.37 18.32
C GLY A 347 -12.23 23.42 18.75
N PRO A 348 -13.32 23.96 19.34
CA PRO A 348 -14.44 23.16 19.89
C PRO A 348 -15.06 22.20 18.86
N TRP A 349 -15.38 21.00 19.32
CA TRP A 349 -15.82 19.92 18.41
C TRP A 349 -17.31 19.91 18.17
N ASN A 350 -17.67 19.51 16.94
CA ASN A 350 -19.06 19.23 16.60
C ASN A 350 -19.52 17.94 17.27
N LEU A 351 -20.74 17.97 17.79
CA LEU A 351 -21.24 16.91 18.66
C LEU A 351 -21.90 15.76 17.89
N THR A 352 -22.43 16.08 16.71
CA THR A 352 -23.15 15.09 15.92
C THR A 352 -22.19 14.36 14.98
N PRO A 353 -22.12 13.01 15.12
CA PRO A 353 -21.27 12.22 14.22
C PRO A 353 -21.70 12.34 12.75
N THR A 354 -20.73 12.57 11.89
CA THR A 354 -20.96 12.67 10.45
C THR A 354 -20.10 11.68 9.65
N SER A 355 -18.83 11.50 10.06
CA SER A 355 -17.93 10.61 9.33
C SER A 355 -16.69 10.25 10.13
N TYR A 356 -16.04 9.17 9.70
CA TYR A 356 -14.73 8.79 10.24
C TYR A 356 -13.74 9.94 10.16
N GLN A 357 -13.60 10.56 8.99
CA GLN A 357 -12.69 11.71 8.83
C GLN A 357 -12.97 12.84 9.83
N ASP A 358 -14.25 13.16 10.01
CA ASP A 358 -14.69 14.20 10.94
C ASP A 358 -14.44 13.78 12.38
N ASP A 359 -14.53 12.48 12.67
CA ASP A 359 -14.24 11.93 13.99
C ASP A 359 -12.81 12.19 14.49
N TRP A 360 -11.86 12.47 13.59
CA TRP A 360 -10.49 12.79 14.01
C TRP A 360 -10.44 14.07 14.83
N HIS A 361 -11.32 15.02 14.48
CA HIS A 361 -11.33 16.37 15.05
C HIS A 361 -9.95 17.02 14.98
N VAL A 362 -9.43 17.15 13.76
CA VAL A 362 -8.14 17.82 13.55
C VAL A 362 -8.25 18.89 12.47
N GLY A 363 -7.33 19.83 12.46
CA GLY A 363 -7.18 20.76 11.33
C GLY A 363 -5.89 20.43 10.60
N PHE A 364 -5.92 20.53 9.27
CA PHE A 364 -4.74 20.33 8.43
C PHE A 364 -4.07 21.66 8.13
N ALA A 365 -2.76 21.63 7.92
CA ALA A 365 -2.01 22.78 7.42
C ALA A 365 -0.88 22.29 6.53
N TYR A 366 -0.53 23.10 5.52
CA TYR A 366 0.36 22.69 4.44
C TYR A 366 1.55 23.63 4.33
N GLU A 367 1.56 24.64 5.19
CA GLU A 367 2.62 25.62 5.24
C GLU A 367 2.72 26.20 6.65
N ARG A 368 3.91 26.66 6.99
CA ARG A 368 4.16 27.29 8.27
C ARG A 368 5.09 28.47 8.04
N ASN A 369 4.74 29.61 8.64
CA ASN A 369 5.50 30.86 8.46
C ASN A 369 5.71 31.18 6.97
N GLY A 370 4.63 31.03 6.19
CA GLY A 370 4.65 31.25 4.75
C GLY A 370 5.50 30.29 3.94
N VAL A 371 5.98 29.22 4.56
CA VAL A 371 6.81 28.22 3.88
C VAL A 371 6.03 26.92 3.76
N PRO A 372 5.83 26.42 2.52
CA PRO A 372 5.18 25.13 2.33
C PRO A 372 5.94 24.02 3.05
N ILE A 373 5.21 23.06 3.61
CA ILE A 373 5.84 21.90 4.24
C ILE A 373 6.80 21.20 3.25
N GLY A 374 6.42 21.21 1.98
CA GLY A 374 7.29 20.76 0.90
C GLY A 374 6.63 21.01 -0.43
N ALA A 375 7.39 20.82 -1.50
CA ALA A 375 6.86 20.83 -2.86
C ALA A 375 5.78 19.75 -3.03
N GLN A 376 4.86 19.97 -3.96
CA GLN A 376 3.85 18.96 -4.26
C GLN A 376 4.23 18.09 -5.46
N ALA A 377 3.92 16.80 -5.39
CA ALA A 377 4.08 15.93 -6.55
C ALA A 377 2.84 16.09 -7.45
N ASN A 378 2.68 15.25 -8.45
CA ASN A 378 1.47 15.29 -9.27
C ASN A 378 0.19 15.08 -8.43
N SER A 379 0.17 14.05 -7.58
CA SER A 379 -1.01 13.70 -6.78
C SER A 379 -1.35 14.78 -5.77
N TYR A 380 -2.63 15.12 -5.67
CA TYR A 380 -3.14 16.20 -4.81
C TYR A 380 -2.75 16.03 -3.33
N TRP A 381 -2.57 14.78 -2.89
CA TRP A 381 -2.29 14.47 -1.49
C TRP A 381 -0.79 14.37 -1.17
N LEU A 382 0.07 14.36 -2.19
CA LEU A 382 1.50 14.03 -1.99
C LEU A 382 2.42 15.23 -1.92
N TYR A 383 2.82 15.56 -0.69
CA TYR A 383 3.83 16.58 -0.41
C TYR A 383 5.19 15.93 -0.17
N ILE A 384 6.23 16.55 -0.71
CA ILE A 384 7.58 15.97 -0.68
C ILE A 384 8.29 16.49 0.59
N VAL A 385 8.34 15.62 1.60
CA VAL A 385 8.77 16.01 2.94
C VAL A 385 9.67 14.88 3.47
N PRO A 386 10.94 14.84 3.04
CA PRO A 386 11.81 13.72 3.39
C PRO A 386 11.97 13.43 4.89
N TRP A 387 11.98 14.46 5.74
CA TRP A 387 12.17 14.28 7.18
C TRP A 387 11.02 13.50 7.83
N GLY A 388 9.85 13.53 7.19
CA GLY A 388 8.67 12.82 7.66
C GLY A 388 8.84 11.31 7.73
N ILE A 389 9.63 10.74 6.82
CA ILE A 389 9.88 9.29 6.88
C ILE A 389 10.68 8.91 8.13
N ASN A 390 11.62 9.76 8.53
CA ASN A 390 12.36 9.57 9.77
C ASN A 390 11.46 9.67 11.01
N LYS A 391 10.62 10.71 11.08
CA LYS A 391 9.68 10.86 12.19
C LYS A 391 8.73 9.66 12.28
N ALA A 392 8.21 9.21 11.14
CA ALA A 392 7.23 8.12 11.10
C ALA A 392 7.83 6.80 11.56
N VAL A 393 9.00 6.46 11.03
CA VAL A 393 9.69 5.21 11.42
C VAL A 393 10.09 5.23 12.89
N THR A 394 10.60 6.36 13.37
CA THR A 394 11.00 6.53 14.77
C THR A 394 9.78 6.38 15.69
N TYR A 395 8.66 6.98 15.28
CA TYR A 395 7.42 6.88 16.01
C TYR A 395 6.96 5.42 16.19
N VAL A 396 7.01 4.62 15.12
CA VAL A 396 6.65 3.21 15.23
C VAL A 396 7.59 2.45 16.18
N LYS A 397 8.88 2.73 16.08
CA LYS A 397 9.89 2.13 16.96
C LYS A 397 9.58 2.43 18.43
N GLU A 398 9.33 3.71 18.74
CA GLU A 398 9.11 4.15 20.11
C GLU A 398 7.73 3.81 20.68
N THR A 399 6.75 3.60 19.81
CA THR A 399 5.38 3.39 20.26
C THR A 399 4.97 1.91 20.31
N TYR A 400 5.53 1.10 19.42
CA TYR A 400 5.05 -0.26 19.26
C TYR A 400 6.12 -1.29 19.56
N GLY A 401 7.01 -0.96 20.50
CA GLY A 401 7.96 -1.91 21.06
C GLY A 401 9.10 -2.29 20.15
N ASN A 402 9.61 -1.32 19.39
CA ASN A 402 10.57 -1.56 18.30
C ASN A 402 10.26 -2.83 17.50
N PRO A 403 9.15 -2.83 16.74
CA PRO A 403 8.82 -4.00 15.94
C PRO A 403 9.74 -4.12 14.72
N THR A 404 9.80 -5.30 14.13
CA THR A 404 10.47 -5.47 12.84
C THR A 404 9.60 -4.82 11.76
N MET A 405 10.23 -3.94 10.98
CA MET A 405 9.55 -3.13 9.99
C MET A 405 10.11 -3.32 8.59
N ILE A 406 9.22 -3.25 7.63
CA ILE A 406 9.61 -3.08 6.24
C ILE A 406 9.02 -1.73 5.82
N LEU A 407 9.87 -0.86 5.25
CA LEU A 407 9.38 0.34 4.58
C LEU A 407 8.88 -0.15 3.21
N SER A 408 7.59 -0.38 3.13
CA SER A 408 7.02 -1.25 2.09
C SER A 408 6.51 -0.51 0.86
N GLU A 409 6.38 0.81 0.97
CA GLU A 409 6.03 1.67 -0.15
C GLU A 409 6.63 3.04 0.04
N ASN A 410 7.23 3.58 -1.02
CA ASN A 410 7.75 4.95 -1.01
C ASN A 410 7.98 5.36 -2.46
N GLY A 411 7.52 6.54 -2.83
CA GLY A 411 7.67 7.00 -4.20
C GLY A 411 6.89 8.26 -4.47
N MET A 412 6.94 8.74 -5.71
CA MET A 412 6.20 9.94 -6.08
C MET A 412 5.81 9.91 -7.57
N ASP A 413 4.91 10.80 -7.95
CA ASP A 413 4.37 10.79 -9.31
C ASP A 413 4.57 12.06 -10.15
N GLN A 414 4.68 11.82 -11.46
CA GLN A 414 4.71 12.85 -12.49
C GLN A 414 3.32 12.85 -13.11
N PRO A 415 2.96 13.95 -13.82
CA PRO A 415 1.70 13.95 -14.56
C PRO A 415 1.70 12.90 -15.66
N GLY A 416 0.52 12.36 -15.96
CA GLY A 416 0.39 11.32 -16.97
C GLY A 416 0.71 11.80 -18.37
N ASN A 417 0.42 13.09 -18.63
CA ASN A 417 0.59 13.66 -19.96
C ASN A 417 2.03 14.00 -20.38
N VAL A 418 3.01 13.47 -19.66
CA VAL A 418 4.41 13.68 -20.05
C VAL A 418 4.82 12.67 -21.15
N SER A 419 5.61 13.16 -22.11
CA SER A 419 6.11 12.35 -23.22
C SER A 419 7.20 11.39 -22.75
N ILE A 420 7.60 10.43 -23.60
CA ILE A 420 8.71 9.53 -23.27
C ILE A 420 9.96 10.37 -23.01
N THR A 421 10.19 11.34 -23.89
CA THR A 421 11.45 12.08 -23.93
C THR A 421 11.71 12.85 -22.65
N GLN A 422 10.66 13.48 -22.12
CA GLN A 422 10.78 14.22 -20.86
C GLN A 422 10.51 13.32 -19.65
N GLY A 423 9.58 12.39 -19.80
CA GLY A 423 9.19 11.43 -18.73
C GLY A 423 10.34 10.66 -18.10
N VAL A 424 11.32 10.27 -18.91
CA VAL A 424 12.49 9.51 -18.43
C VAL A 424 13.51 10.35 -17.66
N HIS A 425 13.45 11.67 -17.81
CA HIS A 425 14.37 12.53 -17.08
C HIS A 425 13.71 13.08 -15.81
N ASP A 426 13.57 12.19 -14.84
CA ASP A 426 12.82 12.47 -13.61
C ASP A 426 13.76 12.80 -12.44
N THR A 427 14.49 13.90 -12.58
CA THR A 427 15.40 14.37 -11.53
C THR A 427 14.69 14.60 -10.18
N VAL A 428 13.44 15.08 -10.22
CA VAL A 428 12.65 15.27 -9.00
C VAL A 428 12.46 13.95 -8.23
N ARG A 429 12.31 12.84 -8.95
CA ARG A 429 12.15 11.54 -8.35
C ARG A 429 13.49 11.01 -7.78
N ILE A 430 14.59 11.26 -8.49
CA ILE A 430 15.90 10.94 -7.96
C ILE A 430 16.12 11.63 -6.61
N ARG A 431 15.87 12.93 -6.55
CA ARG A 431 16.01 13.72 -5.31
C ARG A 431 15.05 13.23 -4.21
N TYR A 432 13.81 12.90 -4.60
CA TYR A 432 12.85 12.26 -3.70
C TYR A 432 13.45 11.02 -3.04
N TYR A 433 13.92 10.05 -3.84
CA TYR A 433 14.48 8.82 -3.28
C TYR A 433 15.76 9.03 -2.48
N ARG A 434 16.68 9.83 -3.02
CA ARG A 434 17.93 10.10 -2.31
C ARG A 434 17.67 10.70 -0.92
N ASN A 435 16.78 11.70 -0.87
CA ASN A 435 16.45 12.38 0.38
C ASN A 435 15.65 11.51 1.35
N TYR A 436 14.63 10.82 0.86
CA TYR A 436 13.81 9.96 1.73
C TYR A 436 14.63 8.78 2.25
N ILE A 437 15.34 8.11 1.36
CA ILE A 437 16.16 6.96 1.76
C ILE A 437 17.26 7.35 2.76
N THR A 438 17.85 8.53 2.57
CA THR A 438 18.82 9.10 3.51
C THR A 438 18.21 9.33 4.89
N GLU A 439 16.99 9.87 4.94
CA GLU A 439 16.27 10.04 6.20
C GLU A 439 15.85 8.72 6.83
N LEU A 440 15.52 7.73 6.00
CA LEU A 440 15.24 6.38 6.50
C LEU A 440 16.49 5.76 7.13
N LYS A 441 17.62 5.88 6.44
CA LYS A 441 18.91 5.42 6.95
C LYS A 441 19.24 6.03 8.33
N LYS A 442 18.92 7.31 8.50
CA LYS A 442 19.12 7.97 9.80
C LYS A 442 18.30 7.31 10.92
N ALA A 443 17.05 6.97 10.64
CA ALA A 443 16.18 6.29 11.60
C ALA A 443 16.72 4.91 12.00
N ILE A 444 17.23 4.17 11.02
CA ILE A 444 17.81 2.84 11.23
C ILE A 444 19.11 2.92 12.06
N ASP A 445 19.98 3.89 11.72
CA ASP A 445 21.20 4.17 12.48
C ASP A 445 20.90 4.50 13.95
N ASP A 446 19.72 5.07 14.20
CA ASP A 446 19.27 5.36 15.56
C ASP A 446 18.46 4.23 16.21
N GLY A 447 18.50 3.03 15.63
CA GLY A 447 17.95 1.86 16.29
C GLY A 447 16.68 1.24 15.71
N ALA A 448 16.13 1.83 14.66
CA ALA A 448 14.89 1.30 14.06
C ALA A 448 15.14 -0.02 13.32
N LYS A 449 14.30 -1.02 13.63
CA LYS A 449 14.47 -2.37 13.14
C LYS A 449 13.82 -2.57 11.76
N VAL A 450 14.30 -1.78 10.80
CA VAL A 450 13.84 -1.83 9.42
C VAL A 450 14.73 -2.80 8.63
N ILE A 451 14.09 -3.76 7.97
CA ILE A 451 14.80 -4.85 7.31
C ILE A 451 14.68 -4.82 5.79
N GLY A 452 13.88 -3.90 5.27
CA GLY A 452 13.66 -3.81 3.83
C GLY A 452 13.10 -2.46 3.41
N TYR A 453 13.25 -2.16 2.11
CA TYR A 453 12.73 -0.93 1.53
C TYR A 453 12.19 -1.20 0.13
N PHE A 454 10.95 -0.78 -0.12
CA PHE A 454 10.30 -1.03 -1.42
C PHE A 454 9.83 0.27 -2.04
N ALA A 455 10.27 0.52 -3.27
CA ALA A 455 9.85 1.68 -4.04
C ALA A 455 8.54 1.39 -4.75
N TRP A 456 7.59 2.31 -4.62
CA TRP A 456 6.41 2.28 -5.45
C TRP A 456 6.66 3.26 -6.60
N SER A 457 6.75 2.80 -7.84
CA SER A 457 6.56 1.42 -8.29
C SER A 457 7.56 1.19 -9.43
N LEU A 458 7.78 -0.06 -9.85
CA LEU A 458 8.65 -0.30 -11.01
C LEU A 458 8.11 0.45 -12.23
N LEU A 459 6.82 0.26 -12.52
CA LEU A 459 6.24 0.80 -13.75
C LEU A 459 5.16 1.83 -13.48
N ASP A 460 5.07 2.81 -14.37
CA ASP A 460 3.88 3.64 -14.50
C ASP A 460 2.70 2.68 -14.65
N ASN A 461 1.63 2.89 -13.88
CA ASN A 461 0.48 1.96 -13.92
C ASN A 461 -0.87 2.60 -13.65
N PHE A 462 -1.92 1.80 -13.52
CA PHE A 462 -3.28 2.29 -13.29
C PHE A 462 -3.37 2.84 -11.86
N GLU A 463 -3.54 4.15 -11.73
CA GLU A 463 -3.51 4.77 -10.42
C GLU A 463 -4.93 5.03 -9.86
N TRP A 464 -5.71 3.96 -9.78
CA TRP A 464 -7.07 3.98 -9.23
C TRP A 464 -7.91 5.14 -9.80
N ARG A 465 -8.39 6.06 -8.96
CA ARG A 465 -9.26 7.13 -9.45
C ARG A 465 -8.58 8.15 -10.37
N LEU A 466 -7.25 8.16 -10.36
CA LEU A 466 -6.46 9.04 -11.24
C LEU A 466 -6.17 8.36 -12.57
N GLY A 467 -6.55 7.09 -12.68
CA GLY A 467 -6.33 6.31 -13.90
C GLY A 467 -4.89 6.41 -14.36
N TYR A 468 -4.71 6.85 -15.60
CA TYR A 468 -3.38 6.98 -16.20
C TYR A 468 -2.88 8.43 -16.26
N THR A 469 -3.43 9.28 -15.40
CA THR A 469 -3.03 10.68 -15.35
C THR A 469 -1.94 10.89 -14.31
N SER A 470 -1.53 9.79 -13.65
CA SER A 470 -0.49 9.83 -12.65
C SER A 470 0.54 8.75 -12.92
N ARG A 471 1.82 9.15 -13.00
CA ARG A 471 2.92 8.22 -13.32
C ARG A 471 3.88 8.08 -12.13
N PHE A 472 3.79 6.93 -11.44
CA PHE A 472 4.58 6.63 -10.23
C PHE A 472 5.86 5.81 -10.48
N GLY A 473 6.03 5.32 -11.70
CA GLY A 473 7.10 4.35 -11.96
C GLY A 473 8.51 4.90 -12.01
N ILE A 474 9.49 4.03 -11.79
CA ILE A 474 10.88 4.35 -12.12
C ILE A 474 11.15 3.92 -13.57
N VAL A 475 10.12 3.38 -14.20
CA VAL A 475 10.17 2.94 -15.60
C VAL A 475 8.94 3.47 -16.31
N TYR A 476 9.17 4.25 -17.36
CA TYR A 476 8.12 4.84 -18.17
C TYR A 476 7.46 3.79 -19.07
N VAL A 477 6.13 3.81 -19.10
CA VAL A 477 5.40 2.95 -20.02
C VAL A 477 4.64 3.78 -21.04
N ASP A 478 4.94 3.51 -22.32
CA ASP A 478 4.17 4.07 -23.41
C ASP A 478 2.92 3.23 -23.50
N TYR A 479 1.78 3.85 -23.22
CA TYR A 479 0.50 3.15 -23.21
C TYR A 479 -0.01 2.80 -24.61
N LYS A 480 0.55 3.43 -25.64
CA LYS A 480 0.24 3.12 -27.04
C LYS A 480 0.75 1.73 -27.40
N THR A 481 1.98 1.42 -26.99
CA THR A 481 2.70 0.25 -27.46
C THR A 481 3.06 -0.73 -26.34
N LEU A 482 2.89 -0.28 -25.10
CA LEU A 482 3.26 -0.99 -23.85
C LEU A 482 4.77 -1.21 -23.69
N LYS A 483 5.55 -0.43 -24.44
CA LYS A 483 7.01 -0.50 -24.33
C LYS A 483 7.50 0.20 -23.06
N ARG A 484 8.51 -0.39 -22.44
CA ARG A 484 9.12 0.11 -21.21
C ARG A 484 10.37 0.93 -21.54
N TYR A 485 10.51 2.07 -20.86
CA TYR A 485 11.68 2.93 -20.98
C TYR A 485 12.13 3.27 -19.55
N PRO A 486 13.24 2.67 -19.07
CA PRO A 486 13.72 3.01 -17.74
C PRO A 486 13.99 4.50 -17.58
N LYS A 487 13.48 5.07 -16.49
CA LYS A 487 13.71 6.48 -16.19
C LYS A 487 15.06 6.62 -15.53
N ASP A 488 15.55 7.86 -15.45
CA ASP A 488 16.81 8.14 -14.80
C ASP A 488 16.87 7.61 -13.35
N SER A 489 15.73 7.67 -12.66
CA SER A 489 15.61 7.14 -11.30
C SER A 489 15.89 5.64 -11.20
N ALA A 490 15.47 4.86 -12.20
CA ALA A 490 15.82 3.44 -12.25
C ALA A 490 17.34 3.22 -12.27
N PHE A 491 18.03 3.97 -13.13
CA PHE A 491 19.48 3.93 -13.25
C PHE A 491 20.16 4.47 -12.00
N TRP A 492 19.50 5.42 -11.33
CA TRP A 492 19.97 5.90 -10.04
C TRP A 492 19.97 4.76 -9.03
N PHE A 493 18.87 4.00 -8.97
CA PHE A 493 18.85 2.81 -8.11
C PHE A 493 19.94 1.82 -8.49
N LYS A 494 20.08 1.57 -9.78
CA LYS A 494 21.09 0.63 -10.28
C LYS A 494 22.51 0.99 -9.81
N ASN A 495 22.84 2.28 -9.87
CA ASN A 495 24.13 2.75 -9.41
C ASN A 495 24.28 2.72 -7.89
N MET A 496 23.23 3.15 -7.18
CA MET A 496 23.25 3.13 -5.73
C MET A 496 23.40 1.71 -5.16
N LEU A 497 22.70 0.75 -5.77
CA LEU A 497 22.65 -0.62 -5.26
C LEU A 497 23.84 -1.51 -5.65
N SER A 498 24.68 -1.04 -6.57
CA SER A 498 25.76 -1.86 -7.11
C SER A 498 27.03 -1.73 -6.28
N1 EPE B . -5.45 8.20 -0.72
N1 EPE B . -4.61 7.96 -0.16
C2 EPE B . -4.41 8.67 -1.66
C2 EPE B . -3.66 8.45 -1.19
C3 EPE B . -3.51 7.53 -2.11
C3 EPE B . -3.10 7.27 -1.99
N4 EPE B . -3.04 6.73 -0.99
N4 EPE B . -2.49 6.30 -1.09
C5 EPE B . -4.02 6.32 0.00
C5 EPE B . -3.31 5.84 0.02
C6 EPE B . -4.90 7.49 0.45
C6 EPE B . -3.95 7.02 0.77
C7 EPE B . -1.65 6.87 -0.58
C7 EPE B . -1.05 6.36 -0.93
C8 EPE B . -0.91 5.55 -0.49
C8 EPE B . -0.43 5.08 -0.42
O8 EPE B . -0.92 4.90 -1.74
O8 EPE B . -0.16 5.22 0.96
C9 EPE B . -6.34 9.31 -0.31
C9 EPE B . -5.17 9.09 0.62
C10 EPE B . -5.64 10.34 0.58
C10 EPE B . -5.53 10.26 -0.29
S EPE B . -6.73 11.67 1.15
S EPE B . -7.02 11.15 0.19
O1S EPE B . -6.12 12.96 0.83
O1S EPE B . -6.69 12.56 0.33
O2S EPE B . -6.89 11.56 2.60
O2S EPE B . -7.55 10.68 1.46
O3S EPE B . -8.03 11.56 0.50
O3S EPE B . -8.02 10.96 -0.85
C1 GOL C . 10.87 20.26 10.70
O1 GOL C . 9.66 20.44 11.40
C2 GOL C . 11.86 19.43 11.51
O2 GOL C . 11.14 18.67 12.46
C3 GOL C . 12.62 18.46 10.61
O3 GOL C . 13.51 19.16 9.75
C1 GOL D . 12.71 -13.99 4.54
O1 GOL D . 12.73 -14.22 3.15
C2 GOL D . 12.49 -15.32 5.27
O2 GOL D . 13.61 -15.55 6.10
C3 GOL D . 11.24 -15.28 6.12
O3 GOL D . 10.73 -13.97 6.22
C1 GOL E . -4.54 3.05 -22.12
O1 GOL E . -4.10 4.24 -21.51
C2 GOL E . -4.21 1.84 -21.26
O2 GOL E . -5.41 1.11 -21.04
C3 GOL E . -3.16 0.97 -21.96
O3 GOL E . -3.23 -0.40 -21.57
C1 GOL F . -1.04 3.70 -4.92
O1 GOL F . -1.22 3.11 -6.19
C2 GOL F . 0.41 4.11 -4.70
O2 GOL F . 0.91 3.41 -3.60
C3 GOL F . 0.53 5.62 -4.48
O3 GOL F . -0.61 6.31 -4.96
C1 GOL G . 19.60 8.18 -18.96
O1 GOL G . 20.09 9.45 -18.56
C2 GOL G . 20.66 7.24 -19.54
O2 GOL G . 21.34 6.63 -18.47
C3 GOL G . 19.99 6.12 -20.34
O3 GOL G . 19.76 6.51 -21.68
C1 GOL H . -3.49 15.08 -9.19
O1 GOL H . -3.92 14.27 -8.12
C2 GOL H . -4.65 15.85 -9.79
O2 GOL H . -5.21 15.11 -10.86
C3 GOL H . -5.69 16.10 -8.70
O3 GOL H . -6.48 14.94 -8.55
#